data_8OWU
#
_entry.id   8OWU
#
_cell.length_a   36.607
_cell.length_b   51.912
_cell.length_c   54.520
_cell.angle_alpha   94.688
_cell.angle_beta   91.364
_cell.angle_gamma   101.675
#
_symmetry.space_group_name_H-M   'P 1'
#
loop_
_entity.id
_entity.type
_entity.pdbx_description
1 polymer Transposase
2 polymer PIM7
3 non-polymer 'MAGNESIUM ION'
#
loop_
_entity_poly.entity_id
_entity_poly.type
_entity_poly.pdbx_seq_one_letter_code
_entity_poly.pdbx_strand_id
1 'polypeptide(L)'
;MGSSHHHHHHENLYFQGMTKKEILEKLPEGWKYTENNGFVHVRDANDTIRMRIAPPDKVTKYDHVHLYDENKNPLDLNGN
IVDAKSPDAHIPYKM
;
B,C
2 'polypeptide(L)'
;MKVQRIQEKIDKLYYWDAWVTKLVCDYFGDEVILIFKDGDDDVTLQFSGCYKIDFKHSIGYVKEKSIKTFTHEQLPYFLH
DIEIGEIEKEGLKLYTCKIIMPPMDLDIWCKDIKIER
;
D,E
#
loop_
_chem_comp.id
_chem_comp.type
_chem_comp.name
_chem_comp.formula
MG non-polymer 'MAGNESIUM ION' 'Mg 2'
#
# COMPACT_ATOMS: atom_id res chain seq x y z
N PHE A 15 5.03 -20.36 -37.37
CA PHE A 15 5.58 -20.90 -36.12
C PHE A 15 4.50 -21.07 -35.05
N GLN A 16 3.37 -21.68 -35.42
CA GLN A 16 2.23 -21.67 -34.54
C GLN A 16 2.21 -22.83 -33.56
N GLY A 17 2.61 -24.03 -33.98
CA GLY A 17 2.38 -25.19 -33.15
C GLY A 17 3.51 -25.59 -32.21
N MET A 18 3.74 -24.83 -31.15
CA MET A 18 4.88 -25.11 -30.28
C MET A 18 4.43 -25.45 -28.85
N THR A 19 5.33 -26.14 -28.16
CA THR A 19 5.13 -26.33 -26.73
C THR A 19 5.63 -25.06 -26.04
N LYS A 20 5.30 -24.91 -24.76
CA LYS A 20 5.79 -23.75 -24.02
C LYS A 20 7.30 -23.78 -23.90
N LYS A 21 7.88 -24.98 -23.81
CA LYS A 21 9.31 -25.06 -23.58
C LYS A 21 10.09 -24.56 -24.79
N GLU A 22 9.62 -24.86 -26.00
CA GLU A 22 10.30 -24.35 -27.19
C GLU A 22 9.95 -22.90 -27.50
N ILE A 23 8.78 -22.43 -27.09
CA ILE A 23 8.50 -21.00 -27.18
C ILE A 23 9.54 -20.23 -26.38
N LEU A 24 9.77 -20.66 -25.13
CA LEU A 24 10.75 -19.97 -24.31
C LEU A 24 12.17 -20.15 -24.84
N GLU A 25 12.45 -21.29 -25.49
CA GLU A 25 13.80 -21.59 -25.96
C GLU A 25 14.12 -20.95 -27.31
N LYS A 26 13.12 -20.78 -28.19
CA LYS A 26 13.27 -20.09 -29.46
C LYS A 26 12.99 -18.59 -29.42
N LEU A 27 13.01 -17.97 -28.24
CA LEU A 27 12.71 -16.55 -28.16
C LEU A 27 13.56 -15.76 -29.15
N PRO A 28 12.97 -14.75 -29.83
CA PRO A 28 13.74 -13.91 -30.77
C PRO A 28 14.94 -13.19 -30.17
N GLU A 29 15.60 -12.42 -31.01
CA GLU A 29 16.80 -11.69 -30.60
C GLU A 29 16.46 -10.53 -29.68
N GLY A 30 17.16 -10.44 -28.55
CA GLY A 30 16.94 -9.38 -27.61
C GLY A 30 15.75 -9.58 -26.69
N TRP A 31 14.82 -10.46 -27.06
CA TRP A 31 13.67 -10.71 -26.19
C TRP A 31 14.10 -11.51 -24.97
N LYS A 32 13.74 -11.01 -23.78
CA LYS A 32 13.96 -11.69 -22.53
C LYS A 32 12.62 -12.18 -22.00
N TYR A 33 12.64 -12.92 -20.90
CA TYR A 33 11.36 -13.40 -20.39
C TYR A 33 11.51 -13.75 -18.91
N THR A 34 10.36 -13.96 -18.24
CA THR A 34 10.46 -14.29 -16.84
C THR A 34 9.24 -15.15 -16.52
N GLU A 35 9.42 -16.12 -15.63
CA GLU A 35 8.33 -17.02 -15.25
C GLU A 35 8.26 -17.12 -13.73
N ASN A 36 7.03 -17.04 -13.21
CA ASN A 36 6.78 -17.00 -11.78
C ASN A 36 5.36 -17.48 -11.51
N ASN A 37 5.24 -18.44 -10.58
CA ASN A 37 3.95 -19.02 -10.19
C ASN A 37 3.12 -19.37 -11.40
N GLY A 38 3.76 -19.96 -12.41
CA GLY A 38 3.03 -20.39 -13.58
C GLY A 38 2.52 -19.26 -14.46
N PHE A 39 3.12 -18.07 -14.39
CA PHE A 39 2.87 -17.03 -15.38
C PHE A 39 4.19 -16.64 -16.05
N VAL A 40 4.20 -16.62 -17.38
CA VAL A 40 5.37 -16.23 -18.14
C VAL A 40 5.10 -14.90 -18.84
N HIS A 41 6.00 -13.94 -18.66
CA HIS A 41 5.98 -12.66 -19.34
C HIS A 41 7.20 -12.63 -20.26
N VAL A 42 6.97 -12.38 -21.54
CA VAL A 42 8.06 -12.19 -22.48
C VAL A 42 7.93 -10.78 -23.05
N ARG A 43 9.03 -10.06 -23.10
CA ARG A 43 9.05 -8.68 -23.57
C ARG A 43 10.18 -8.57 -24.58
N ASP A 44 10.04 -7.63 -25.52
CA ASP A 44 11.01 -7.55 -26.60
C ASP A 44 12.19 -6.69 -26.16
N ALA A 45 13.01 -6.23 -27.12
CA ALA A 45 14.18 -5.43 -26.80
C ALA A 45 13.82 -4.08 -26.20
N ASN A 46 12.60 -3.60 -26.44
CA ASN A 46 12.10 -2.37 -25.86
C ASN A 46 11.41 -2.58 -24.51
N ASP A 47 11.57 -3.76 -23.91
CA ASP A 47 10.91 -4.19 -22.68
C ASP A 47 9.38 -4.15 -22.79
N THR A 48 8.86 -4.01 -24.01
CA THR A 48 7.42 -4.08 -24.28
C THR A 48 6.90 -5.51 -24.15
N ILE A 49 5.83 -5.69 -23.37
CA ILE A 49 5.24 -7.02 -23.21
C ILE A 49 4.62 -7.45 -24.53
N ARG A 50 5.08 -8.59 -25.06
CA ARG A 50 4.62 -9.12 -26.32
C ARG A 50 3.92 -10.47 -26.21
N MET A 51 4.06 -11.17 -25.10
CA MET A 51 3.59 -12.55 -25.06
C MET A 51 3.37 -12.91 -23.60
N ARG A 52 2.28 -13.61 -23.32
CA ARG A 52 2.07 -14.10 -21.97
C ARG A 52 1.41 -15.46 -22.01
N ILE A 53 1.93 -16.37 -21.21
CA ILE A 53 1.35 -17.70 -21.00
C ILE A 53 0.75 -17.79 -19.62
N ALA A 54 -0.49 -18.27 -19.55
CA ALA A 54 -1.26 -18.20 -18.34
C ALA A 54 -1.97 -19.53 -18.10
N PRO A 55 -2.08 -19.95 -16.84
CA PRO A 55 -2.92 -21.09 -16.48
C PRO A 55 -4.39 -20.69 -16.57
N PRO A 56 -5.31 -21.64 -16.51
CA PRO A 56 -6.73 -21.30 -16.66
C PRO A 56 -7.23 -20.38 -15.56
N ASP A 57 -8.21 -19.54 -15.90
CA ASP A 57 -9.01 -18.74 -14.96
C ASP A 57 -10.49 -19.10 -15.15
N LYS A 58 -11.39 -18.28 -14.60
CA LYS A 58 -12.81 -18.66 -14.63
C LYS A 58 -13.34 -18.82 -16.06
N VAL A 59 -12.99 -17.91 -16.98
CA VAL A 59 -13.60 -17.95 -18.32
C VAL A 59 -12.77 -18.73 -19.34
N THR A 60 -11.44 -18.70 -19.27
CA THR A 60 -10.59 -19.55 -20.11
C THR A 60 -10.19 -20.77 -19.31
N LYS A 61 -10.62 -21.96 -19.72
CA LYS A 61 -10.29 -23.10 -18.86
C LYS A 61 -9.12 -23.93 -19.36
N TYR A 62 -8.20 -23.34 -20.12
CA TYR A 62 -7.05 -24.07 -20.60
C TYR A 62 -5.82 -23.18 -20.52
N ASP A 63 -4.67 -23.83 -20.28
CA ASP A 63 -3.38 -23.11 -20.32
C ASP A 63 -3.23 -22.47 -21.68
N HIS A 64 -3.08 -21.15 -21.71
CA HIS A 64 -3.14 -20.48 -23.00
C HIS A 64 -1.95 -19.55 -23.20
N VAL A 65 -1.80 -19.15 -24.47
CA VAL A 65 -0.85 -18.14 -24.88
C VAL A 65 -1.63 -16.88 -25.19
N HIS A 66 -1.02 -15.75 -24.89
CA HIS A 66 -1.50 -14.44 -25.30
C HIS A 66 -0.45 -13.84 -26.23
N LEU A 67 -0.90 -13.10 -27.26
CA LEU A 67 0.09 -12.57 -28.18
C LEU A 67 -0.16 -11.08 -28.33
N TYR A 68 0.91 -10.30 -28.48
CA TYR A 68 0.76 -8.85 -28.45
C TYR A 68 1.74 -8.22 -29.42
N ASP A 69 1.24 -7.25 -30.18
CA ASP A 69 2.03 -6.58 -31.20
C ASP A 69 2.97 -5.57 -30.55
N GLU A 70 3.64 -4.80 -31.41
CA GLU A 70 4.56 -3.75 -30.97
C GLU A 70 3.90 -2.74 -30.04
N ASN A 71 2.57 -2.63 -30.06
CA ASN A 71 1.82 -1.70 -29.23
C ASN A 71 0.90 -2.37 -28.23
N LYS A 72 1.14 -3.65 -27.94
CA LYS A 72 0.47 -4.38 -26.86
C LYS A 72 -0.99 -4.66 -27.16
N ASN A 73 -1.35 -4.74 -28.43
CA ASN A 73 -2.67 -5.09 -28.90
C ASN A 73 -2.78 -6.60 -28.99
N PRO A 74 -3.94 -7.16 -28.65
CA PRO A 74 -4.13 -8.61 -28.74
C PRO A 74 -4.12 -9.06 -30.19
N LEU A 75 -3.35 -10.12 -30.47
CA LEU A 75 -3.27 -10.73 -31.79
C LEU A 75 -3.82 -12.16 -31.73
N ASP A 76 -4.24 -12.66 -32.89
CA ASP A 76 -4.62 -14.05 -33.02
C ASP A 76 -3.43 -14.84 -33.56
N LEU A 77 -3.66 -16.12 -33.88
CA LEU A 77 -2.63 -16.98 -34.46
C LEU A 77 -1.94 -16.35 -35.65
N ASN A 78 -2.67 -15.54 -36.42
CA ASN A 78 -2.20 -14.96 -37.67
C ASN A 78 -1.58 -13.58 -37.52
N GLY A 79 -1.37 -13.09 -36.29
CA GLY A 79 -0.81 -11.76 -36.14
C GLY A 79 -1.77 -10.64 -36.44
N ASN A 80 -3.04 -10.96 -36.72
CA ASN A 80 -4.08 -9.96 -36.90
C ASN A 80 -4.59 -9.52 -35.55
N ILE A 81 -4.86 -8.23 -35.42
CA ILE A 81 -5.20 -7.65 -34.14
C ILE A 81 -6.59 -8.16 -33.76
N VAL A 82 -6.78 -8.56 -32.49
CA VAL A 82 -8.06 -9.13 -32.04
C VAL A 82 -8.52 -8.47 -30.75
N ASP A 83 -9.80 -8.65 -30.41
CA ASP A 83 -10.26 -8.45 -29.03
C ASP A 83 -9.82 -9.71 -28.27
N PRO A 87 -11.78 -14.72 -26.95
CA PRO A 87 -12.04 -15.84 -27.85
C PRO A 87 -10.78 -16.28 -28.63
N ASP A 88 -10.63 -15.76 -29.85
CA ASP A 88 -9.43 -16.03 -30.64
C ASP A 88 -8.14 -15.54 -29.98
N ALA A 89 -8.24 -14.61 -29.03
CA ALA A 89 -7.05 -14.08 -28.36
C ALA A 89 -6.44 -15.09 -27.40
N HIS A 90 -7.14 -16.19 -27.14
CA HIS A 90 -6.82 -17.17 -26.12
C HIS A 90 -6.39 -18.45 -26.82
N ILE A 91 -5.07 -18.58 -27.02
CA ILE A 91 -4.48 -19.43 -28.04
C ILE A 91 -3.92 -20.69 -27.39
N PRO A 92 -4.50 -21.87 -27.62
CA PRO A 92 -3.91 -23.09 -27.07
C PRO A 92 -2.53 -23.36 -27.68
N TYR A 93 -1.78 -24.21 -27.01
CA TYR A 93 -0.49 -24.65 -27.53
C TYR A 93 -0.21 -26.11 -27.22
N MET B 18 -1.40 11.67 38.76
CA MET B 18 -2.62 10.95 38.45
C MET B 18 -2.37 9.68 37.63
N THR B 19 -3.32 8.75 37.68
CA THR B 19 -3.26 7.56 36.84
C THR B 19 -3.91 7.84 35.50
N LYS B 20 -3.78 6.86 34.59
CA LYS B 20 -4.41 6.99 33.28
C LYS B 20 -5.91 7.14 33.42
N LYS B 21 -6.51 6.46 34.41
CA LYS B 21 -7.96 6.53 34.59
C LYS B 21 -8.40 7.89 35.12
N GLU B 22 -7.60 8.54 35.98
CA GLU B 22 -8.05 9.82 36.52
C GLU B 22 -7.86 10.96 35.52
N ILE B 23 -6.83 10.87 34.68
CA ILE B 23 -6.69 11.83 33.59
C ILE B 23 -7.88 11.72 32.65
N LEU B 24 -8.21 10.48 32.22
CA LEU B 24 -9.26 10.27 31.24
C LEU B 24 -10.64 10.65 31.74
N GLU B 25 -10.85 10.55 33.04
CA GLU B 25 -12.18 10.73 33.60
C GLU B 25 -12.42 12.20 33.91
N LYS B 26 -11.35 12.99 34.09
CA LYS B 26 -11.48 14.45 34.14
C LYS B 26 -11.46 15.09 32.74
N LEU B 27 -11.61 14.31 31.68
CA LEU B 27 -11.60 14.86 30.34
C LEU B 27 -12.60 16.01 30.19
N PRO B 28 -12.24 17.08 29.47
CA PRO B 28 -13.17 18.20 29.22
C PRO B 28 -14.47 17.85 28.52
N GLU B 29 -15.22 18.94 28.24
CA GLU B 29 -16.50 19.02 27.55
C GLU B 29 -17.01 17.75 26.89
N GLY B 30 -17.12 17.78 25.58
CA GLY B 30 -17.55 16.63 24.82
C GLY B 30 -16.33 15.97 24.19
N TRP B 31 -15.24 15.91 24.96
CA TRP B 31 -14.04 15.24 24.49
C TRP B 31 -14.22 13.74 24.58
N LYS B 32 -13.91 13.05 23.49
CA LYS B 32 -13.95 11.62 23.39
C LYS B 32 -12.53 11.06 23.41
N TYR B 33 -12.42 9.74 23.42
CA TYR B 33 -11.11 9.11 23.41
C TYR B 33 -11.23 7.68 22.91
N THR B 34 -10.09 7.06 22.66
CA THR B 34 -10.03 5.71 22.13
C THR B 34 -8.67 5.14 22.50
N GLU B 35 -8.63 3.85 22.80
CA GLU B 35 -7.37 3.23 23.20
C GLU B 35 -7.11 2.03 22.32
N ASN B 36 -5.85 1.90 21.87
CA ASN B 36 -5.43 0.85 20.96
C ASN B 36 -3.98 0.55 21.27
N ASN B 37 -3.75 -0.71 21.65
CA ASN B 37 -2.42 -1.26 21.93
C ASN B 37 -1.54 -0.28 22.72
N GLY B 38 -2.11 0.23 23.82
CA GLY B 38 -1.37 1.08 24.73
C GLY B 38 -1.13 2.48 24.25
N PHE B 39 -1.92 2.94 23.30
CA PHE B 39 -1.96 4.36 22.96
C PHE B 39 -3.39 4.85 23.19
N VAL B 40 -3.53 5.98 23.87
CA VAL B 40 -4.84 6.58 24.04
C VAL B 40 -4.84 7.89 23.26
N HIS B 41 -5.82 8.05 22.37
CA HIS B 41 -5.99 9.23 21.55
C HIS B 41 -7.23 9.95 22.03
N VAL B 42 -7.08 11.22 22.39
CA VAL B 42 -8.20 12.01 22.87
C VAL B 42 -8.39 13.18 21.94
N ARG B 43 -9.66 13.41 21.57
CA ARG B 43 -10.02 14.47 20.64
C ARG B 43 -11.20 15.24 21.23
N ASP B 44 -11.31 16.51 20.85
CA ASP B 44 -12.33 17.36 21.43
C ASP B 44 -13.63 17.19 20.65
N ALA B 45 -14.58 18.10 20.87
CA ALA B 45 -15.86 17.99 20.18
C ALA B 45 -15.74 18.20 18.67
N ASN B 46 -14.68 18.86 18.22
CA ASN B 46 -14.41 19.02 16.80
C ASN B 46 -13.60 17.87 16.22
N ASP B 47 -13.42 16.79 16.99
CA ASP B 47 -12.58 15.64 16.65
C ASP B 47 -11.11 16.01 16.40
N THR B 48 -10.68 17.19 16.84
CA THR B 48 -9.27 17.54 16.83
C THR B 48 -8.50 16.78 17.91
N ILE B 49 -7.39 16.16 17.52
CA ILE B 49 -6.57 15.45 18.51
C ILE B 49 -6.01 16.46 19.50
N ARG B 50 -6.33 16.28 20.78
CA ARG B 50 -5.91 17.22 21.81
C ARG B 50 -4.95 16.63 22.84
N MET B 51 -4.78 15.31 22.87
CA MET B 51 -4.01 14.66 23.91
C MET B 51 -3.74 13.21 23.52
N ARG B 52 -2.55 12.73 23.85
CA ARG B 52 -2.17 11.34 23.66
C ARG B 52 -1.50 10.81 24.91
N ILE B 53 -1.87 9.60 25.34
CA ILE B 53 -1.14 8.89 26.39
C ILE B 53 -0.38 7.75 25.72
N ALA B 54 0.92 7.68 25.99
CA ALA B 54 1.82 6.86 25.19
C ALA B 54 2.78 6.07 26.05
N PRO B 55 3.09 4.83 25.65
CA PRO B 55 4.16 4.06 26.31
C PRO B 55 5.53 4.59 25.93
N PRO B 56 6.59 4.13 26.60
CA PRO B 56 7.93 4.65 26.30
C PRO B 56 8.37 4.31 24.89
N ASP B 57 9.22 5.16 24.34
CA ASP B 57 9.88 4.86 23.07
C ASP B 57 11.39 4.90 23.29
N LYS B 58 12.15 4.90 22.19
CA LYS B 58 13.61 4.86 22.31
C LYS B 58 14.15 6.04 23.13
N VAL B 59 13.61 7.25 22.94
CA VAL B 59 14.21 8.39 23.61
C VAL B 59 13.50 8.75 24.91
N THR B 60 12.18 8.63 24.97
CA THR B 60 11.44 8.81 26.22
C THR B 60 11.24 7.45 26.87
N LYS B 61 11.86 7.28 28.03
CA LYS B 61 11.90 5.99 28.72
C LYS B 61 10.77 5.81 29.73
N TYR B 62 9.70 6.61 29.65
CA TYR B 62 8.60 6.49 30.59
C TYR B 62 7.25 6.71 29.90
N ASP B 63 6.21 6.13 30.49
CA ASP B 63 4.83 6.37 30.07
C ASP B 63 4.49 7.86 30.20
N HIS B 64 4.10 8.50 29.10
CA HIS B 64 3.93 9.95 29.16
C HIS B 64 2.58 10.38 28.60
N VAL B 65 2.29 11.65 28.81
CA VAL B 65 1.13 12.34 28.26
C VAL B 65 1.61 13.37 27.25
N HIS B 66 0.81 13.60 26.21
CA HIS B 66 1.01 14.72 25.30
C HIS B 66 -0.23 15.60 25.29
N LEU B 67 -0.03 16.91 25.15
CA LEU B 67 -1.16 17.83 25.09
C LEU B 67 -0.96 18.82 23.94
N TYR B 68 -2.09 19.22 23.35
CA TYR B 68 -2.08 19.89 22.06
C TYR B 68 -3.19 20.93 21.99
N ASP B 69 -2.88 22.10 21.44
CA ASP B 69 -3.93 23.09 21.29
C ASP B 69 -4.80 22.73 20.08
N GLU B 70 -5.79 23.58 19.79
CA GLU B 70 -6.65 23.32 18.64
C GLU B 70 -5.87 23.25 17.32
N ASN B 71 -4.59 23.63 17.28
CA ASN B 71 -3.78 23.52 16.07
C ASN B 71 -2.67 22.49 16.20
N LYS B 72 -2.83 21.51 17.09
CA LYS B 72 -1.89 20.38 17.19
C LYS B 72 -0.49 20.80 17.62
N ASN B 73 -0.37 21.91 18.33
CA ASN B 73 0.95 22.30 18.83
C ASN B 73 1.25 21.60 20.16
N PRO B 74 2.49 21.17 20.38
CA PRO B 74 2.82 20.52 21.66
C PRO B 74 2.79 21.54 22.79
N LEU B 75 2.08 21.20 23.86
CA LEU B 75 1.97 22.08 25.03
C LEU B 75 2.66 21.44 26.22
N ASP B 76 3.02 22.28 27.19
CA ASP B 76 3.51 21.82 28.49
C ASP B 76 2.35 21.80 29.49
N LEU B 77 2.65 21.48 30.75
CA LEU B 77 1.61 21.45 31.79
C LEU B 77 0.84 22.77 31.88
N ASN B 78 1.54 23.89 31.68
CA ASN B 78 1.00 25.22 31.88
C ASN B 78 0.34 25.82 30.65
N GLY B 79 0.15 25.03 29.58
CA GLY B 79 -0.48 25.54 28.38
C GLY B 79 0.40 26.34 27.44
N ASN B 80 1.71 26.40 27.67
CA ASN B 80 2.62 27.05 26.73
C ASN B 80 3.04 26.10 25.61
N ILE B 81 3.12 26.64 24.40
CA ILE B 81 3.61 25.83 23.29
C ILE B 81 5.09 25.55 23.51
N VAL B 82 5.49 24.30 23.29
CA VAL B 82 6.89 23.90 23.42
C VAL B 82 7.25 23.14 22.15
N ASP B 83 8.55 22.93 21.96
CA ASP B 83 9.02 22.13 20.85
C ASP B 83 8.66 20.68 21.08
N ALA B 84 8.06 20.02 20.07
CA ALA B 84 7.64 18.63 20.23
C ALA B 84 8.77 17.78 20.75
N LYS B 85 9.99 18.19 20.40
CA LYS B 85 11.22 17.52 20.75
C LYS B 85 11.60 17.75 22.21
N SER B 86 10.99 18.73 22.87
CA SER B 86 11.38 19.11 24.22
C SER B 86 10.95 18.06 25.24
N PRO B 87 11.77 17.81 26.27
CA PRO B 87 11.29 16.98 27.41
C PRO B 87 9.98 17.46 28.01
N ASP B 88 9.77 18.77 28.08
CA ASP B 88 8.53 19.33 28.60
C ASP B 88 7.29 18.88 27.83
N ALA B 89 7.44 18.43 26.59
CA ALA B 89 6.27 17.94 25.87
C ALA B 89 5.85 16.58 26.37
N HIS B 90 6.73 15.88 27.08
CA HIS B 90 6.56 14.49 27.52
C HIS B 90 6.31 14.49 29.02
N ILE B 91 5.03 14.49 29.40
CA ILE B 91 4.60 14.86 30.75
C ILE B 91 4.29 13.57 31.51
N PRO B 92 5.11 13.18 32.49
CA PRO B 92 4.88 11.92 33.20
C PRO B 92 3.60 11.92 34.01
N TYR B 93 3.15 10.70 34.35
CA TYR B 93 2.03 10.44 35.26
C TYR B 93 2.30 9.20 36.12
N VAL C 3 -22.26 -9.77 0.37
CA VAL C 3 -20.94 -10.22 -0.01
C VAL C 3 -20.85 -10.53 -1.50
N GLN C 4 -21.81 -11.30 -2.00
CA GLN C 4 -21.73 -11.85 -3.35
C GLN C 4 -22.35 -10.96 -4.41
N ARG C 5 -23.25 -10.03 -4.03
CA ARG C 5 -23.78 -9.07 -5.00
C ARG C 5 -22.66 -8.28 -5.66
N ILE C 6 -21.81 -7.64 -4.87
CA ILE C 6 -20.63 -7.00 -5.44
C ILE C 6 -19.73 -8.03 -6.13
N GLN C 7 -19.63 -9.26 -5.62
CA GLN C 7 -18.64 -10.20 -6.14
C GLN C 7 -18.94 -10.61 -7.56
N GLU C 8 -20.20 -10.86 -7.90
CA GLU C 8 -20.50 -11.16 -9.29
C GLU C 8 -20.87 -9.93 -10.08
N LYS C 9 -21.11 -8.79 -9.40
CA LYS C 9 -21.08 -7.52 -10.09
C LYS C 9 -19.69 -7.24 -10.65
N ILE C 10 -18.66 -7.69 -9.94
CA ILE C 10 -17.29 -7.61 -10.45
C ILE C 10 -17.12 -8.56 -11.63
N ASP C 11 -17.61 -9.80 -11.49
CA ASP C 11 -17.54 -10.77 -12.57
C ASP C 11 -18.24 -10.25 -13.83
N LYS C 12 -19.30 -9.44 -13.68
CA LYS C 12 -20.00 -8.86 -14.82
C LYS C 12 -19.16 -7.81 -15.51
N LEU C 13 -18.04 -7.41 -14.94
CA LEU C 13 -17.15 -6.52 -15.67
C LEU C 13 -16.38 -7.29 -16.72
N TYR C 14 -16.28 -8.60 -16.57
CA TYR C 14 -15.44 -9.41 -17.45
C TYR C 14 -14.03 -8.84 -17.46
N TYR C 15 -13.41 -8.86 -16.29
CA TYR C 15 -12.09 -8.28 -16.08
C TYR C 15 -10.95 -9.19 -16.51
N TRP C 16 -11.21 -10.48 -16.77
CA TRP C 16 -10.14 -11.46 -16.86
C TRP C 16 -9.12 -11.10 -17.95
N ASP C 17 -7.84 -11.15 -17.58
CA ASP C 17 -6.68 -10.84 -18.43
C ASP C 17 -6.60 -9.37 -18.83
N ALA C 18 -7.38 -8.49 -18.20
CA ALA C 18 -7.33 -7.08 -18.53
C ALA C 18 -6.06 -6.44 -17.98
N TRP C 19 -5.50 -5.52 -18.77
CA TRP C 19 -4.38 -4.69 -18.34
C TRP C 19 -4.81 -3.71 -17.25
N VAL C 20 -3.98 -3.57 -16.23
CA VAL C 20 -4.19 -2.59 -15.17
C VAL C 20 -3.29 -1.41 -15.47
N THR C 21 -3.87 -0.20 -15.51
CA THR C 21 -3.14 1.00 -15.86
C THR C 21 -2.69 1.83 -14.66
N LYS C 22 -3.34 1.66 -13.51
CA LYS C 22 -2.99 2.41 -12.30
C LYS C 22 -3.41 1.63 -11.05
N LEU C 23 -2.52 1.61 -10.06
CA LEU C 23 -2.83 1.04 -8.74
C LEU C 23 -2.25 1.96 -7.69
N VAL C 24 -3.13 2.62 -6.95
CA VAL C 24 -2.74 3.67 -6.00
C VAL C 24 -3.35 3.33 -4.66
N CYS C 25 -2.54 3.43 -3.60
CA CYS C 25 -3.04 3.34 -2.24
C CYS C 25 -2.69 4.65 -1.55
N ASP C 26 -3.72 5.41 -1.17
CA ASP C 26 -3.55 6.78 -0.72
C ASP C 26 -4.26 6.99 0.62
N TYR C 27 -4.03 8.18 1.19
CA TYR C 27 -4.75 8.63 2.38
C TYR C 27 -4.51 7.68 3.56
N PHE C 28 -3.22 7.50 3.87
CA PHE C 28 -2.81 6.65 4.97
C PHE C 28 -3.41 5.26 4.85
N GLY C 29 -3.43 4.72 3.63
CA GLY C 29 -4.00 3.39 3.44
C GLY C 29 -5.50 3.31 3.64
N ASP C 30 -6.19 4.44 3.69
CA ASP C 30 -7.64 4.41 3.75
C ASP C 30 -8.26 4.02 2.41
N GLU C 31 -7.57 4.25 1.30
CA GLU C 31 -8.21 4.20 0.00
C GLU C 31 -7.29 3.60 -1.05
N VAL C 32 -7.82 2.67 -1.85
CA VAL C 32 -7.08 2.00 -2.92
C VAL C 32 -7.79 2.23 -4.25
N ILE C 33 -7.03 2.62 -5.28
CA ILE C 33 -7.60 2.83 -6.61
C ILE C 33 -6.92 1.89 -7.60
N LEU C 34 -7.72 1.08 -8.28
CA LEU C 34 -7.24 0.19 -9.36
C LEU C 34 -8.01 0.52 -10.63
N ILE C 35 -7.29 0.88 -11.69
CA ILE C 35 -7.89 1.17 -13.00
C ILE C 35 -7.36 0.19 -14.03
N PHE C 36 -8.25 -0.53 -14.68
CA PHE C 36 -7.90 -1.44 -15.77
C PHE C 36 -8.70 -1.08 -17.01
N LYS C 37 -8.23 -1.56 -18.18
CA LYS C 37 -8.82 -1.14 -19.45
C LYS C 37 -9.78 -2.20 -19.96
N ASP C 38 -11.00 -1.75 -20.29
CA ASP C 38 -12.07 -2.53 -20.89
C ASP C 38 -12.19 -2.04 -22.33
N GLY C 39 -11.58 -2.75 -23.27
CA GLY C 39 -11.48 -2.17 -24.59
C GLY C 39 -10.57 -0.97 -24.55
N ASP C 40 -11.06 0.21 -24.94
CA ASP C 40 -10.30 1.45 -24.80
C ASP C 40 -10.71 2.28 -23.58
N ASP C 41 -11.67 1.85 -22.79
CA ASP C 41 -12.10 2.65 -21.64
C ASP C 41 -11.47 2.17 -20.33
N ASP C 42 -11.68 2.99 -19.30
CA ASP C 42 -11.08 2.82 -17.98
C ASP C 42 -12.17 2.30 -17.06
N VAL C 43 -11.98 1.12 -16.53
CA VAL C 43 -12.78 0.68 -15.40
C VAL C 43 -12.01 1.01 -14.12
N THR C 44 -12.66 1.73 -13.21
CA THR C 44 -12.11 2.00 -11.90
C THR C 44 -12.70 1.05 -10.88
N LEU C 45 -11.84 0.44 -10.09
CA LEU C 45 -12.25 -0.19 -8.85
C LEU C 45 -11.80 0.73 -7.72
N GLN C 46 -12.69 1.02 -6.79
CA GLN C 46 -12.34 1.85 -5.64
C GLN C 46 -12.66 1.12 -4.35
N PHE C 47 -11.66 1.00 -3.48
CA PHE C 47 -11.80 0.41 -2.16
C PHE C 47 -11.61 1.51 -1.13
N SER C 48 -12.65 1.76 -0.32
CA SER C 48 -12.60 2.80 0.68
C SER C 48 -12.77 2.21 2.08
N GLY C 49 -12.33 2.97 3.07
CA GLY C 49 -12.41 2.52 4.45
C GLY C 49 -11.54 1.30 4.68
N CYS C 50 -10.29 1.38 4.22
CA CYS C 50 -9.42 0.22 4.29
C CYS C 50 -8.72 0.17 5.63
N TYR C 51 -8.55 -1.06 6.12
CA TYR C 51 -7.92 -1.35 7.38
C TYR C 51 -6.71 -2.25 7.23
N LYS C 52 -6.55 -2.87 6.07
CA LYS C 52 -5.39 -3.69 5.73
C LYS C 52 -5.15 -3.54 4.24
N ILE C 53 -3.92 -3.20 3.87
CA ILE C 53 -3.50 -3.16 2.48
C ILE C 53 -2.19 -3.91 2.42
N ASP C 54 -2.16 -4.97 1.63
CA ASP C 54 -1.02 -5.87 1.54
C ASP C 54 -0.77 -6.14 0.06
N PHE C 55 0.29 -5.53 -0.49
CA PHE C 55 0.72 -5.72 -1.87
C PHE C 55 2.01 -6.52 -1.88
N LYS C 56 2.02 -7.64 -2.60
CA LYS C 56 3.21 -8.45 -2.69
C LYS C 56 3.60 -8.59 -4.15
N HIS C 57 4.81 -8.14 -4.49
CA HIS C 57 5.36 -8.23 -5.83
C HIS C 57 6.30 -9.42 -5.90
N SER C 58 6.26 -10.15 -7.01
CA SER C 58 7.08 -11.33 -7.12
C SER C 58 8.54 -10.90 -7.23
N ILE C 59 9.40 -11.54 -6.43
CA ILE C 59 10.82 -11.25 -6.49
C ILE C 59 11.44 -11.87 -7.71
N GLY C 60 10.78 -12.88 -8.28
CA GLY C 60 11.23 -13.42 -9.55
C GLY C 60 11.17 -12.42 -10.67
N TYR C 61 10.21 -11.49 -10.63
CA TYR C 61 10.09 -10.44 -11.66
C TYR C 61 10.82 -9.19 -11.17
N VAL C 62 12.10 -9.09 -11.51
CA VAL C 62 12.91 -8.00 -10.98
C VAL C 62 12.62 -6.72 -11.75
N LYS C 63 12.33 -5.64 -11.04
CA LYS C 63 12.11 -4.35 -11.68
C LYS C 63 13.46 -3.67 -11.83
N GLU C 64 13.84 -3.37 -13.07
CA GLU C 64 15.14 -2.76 -13.33
C GLU C 64 15.07 -1.23 -13.38
N LYS C 65 13.87 -0.65 -13.33
CA LYS C 65 13.72 0.79 -13.12
C LYS C 65 12.47 1.00 -12.29
N SER C 66 12.35 2.21 -11.72
CA SER C 66 11.15 2.58 -11.00
C SER C 66 9.93 2.48 -11.91
N ILE C 67 8.85 1.88 -11.41
CA ILE C 67 7.66 1.66 -12.22
C ILE C 67 7.19 2.96 -12.85
N LYS C 68 7.32 4.06 -12.12
CA LYS C 68 6.88 5.36 -12.63
C LYS C 68 7.53 5.71 -13.96
N THR C 69 8.75 5.21 -14.23
CA THR C 69 9.39 5.42 -15.53
C THR C 69 9.13 4.29 -16.54
N PHE C 70 8.22 3.36 -16.25
CA PHE C 70 7.72 2.43 -17.26
C PHE C 70 6.72 3.15 -18.16
N THR C 71 6.71 2.80 -19.45
CA THR C 71 5.58 3.10 -20.32
C THR C 71 4.50 2.05 -20.09
N HIS C 72 3.26 2.41 -20.44
CA HIS C 72 2.23 1.38 -20.38
C HIS C 72 2.61 0.21 -21.29
N GLU C 73 3.44 0.45 -22.32
CA GLU C 73 3.96 -0.65 -23.11
C GLU C 73 4.85 -1.59 -22.29
N GLN C 74 5.46 -1.10 -21.25
CA GLN C 74 6.34 -1.94 -20.45
C GLN C 74 5.68 -2.56 -19.21
N LEU C 75 4.52 -2.06 -18.81
CA LEU C 75 3.84 -2.60 -17.65
C LEU C 75 3.47 -4.05 -17.89
N PRO C 76 3.82 -4.96 -16.98
CA PRO C 76 3.40 -6.37 -17.07
C PRO C 76 2.06 -6.68 -16.41
N TYR C 77 1.50 -5.79 -15.59
CA TYR C 77 0.45 -6.18 -14.65
C TYR C 77 -0.89 -6.36 -15.36
N PHE C 78 -1.53 -7.50 -15.13
CA PHE C 78 -2.84 -7.83 -15.71
C PHE C 78 -3.64 -8.61 -14.69
N LEU C 79 -4.97 -8.55 -14.80
CA LEU C 79 -5.84 -9.19 -13.83
C LEU C 79 -6.08 -10.67 -14.16
N HIS C 80 -5.88 -11.53 -13.16
CA HIS C 80 -6.13 -12.95 -13.27
C HIS C 80 -7.28 -13.43 -12.42
N ASP C 81 -7.44 -12.91 -11.21
CA ASP C 81 -8.56 -13.28 -10.36
C ASP C 81 -8.81 -12.19 -9.32
N ILE C 82 -10.07 -11.77 -9.22
CA ILE C 82 -10.54 -10.92 -8.14
C ILE C 82 -11.54 -11.72 -7.35
N GLU C 83 -11.31 -11.82 -6.04
CA GLU C 83 -12.09 -12.68 -5.16
C GLU C 83 -12.51 -11.86 -3.98
N ILE C 84 -13.82 -11.82 -3.71
CA ILE C 84 -14.40 -11.04 -2.62
C ILE C 84 -14.83 -11.94 -1.47
N GLY C 85 -14.75 -11.42 -0.26
CA GLY C 85 -15.11 -12.20 0.91
C GLY C 85 -15.51 -11.31 2.07
N GLU C 86 -15.75 -11.94 3.22
CA GLU C 86 -16.19 -11.20 4.39
C GLU C 86 -15.59 -11.80 5.66
N ILE C 87 -15.18 -10.92 6.55
CA ILE C 87 -14.51 -11.30 7.79
C ILE C 87 -14.98 -10.35 8.88
N GLU C 88 -14.77 -10.78 10.12
CA GLU C 88 -15.06 -9.98 11.29
C GLU C 88 -13.88 -10.08 12.24
N LYS C 89 -13.36 -8.92 12.63
CA LYS C 89 -12.24 -8.80 13.56
C LYS C 89 -12.67 -7.87 14.67
N GLU C 90 -12.58 -8.32 15.91
CA GLU C 90 -13.10 -7.59 17.06
C GLU C 90 -14.45 -6.96 16.71
N GLY C 91 -15.38 -7.80 16.23
CA GLY C 91 -16.73 -7.36 15.97
C GLY C 91 -16.89 -6.39 14.83
N LEU C 92 -15.83 -6.12 14.07
CA LEU C 92 -15.89 -5.28 12.88
C LEU C 92 -15.98 -6.17 11.65
N LYS C 93 -17.05 -6.02 10.89
CA LYS C 93 -17.22 -6.78 9.66
C LYS C 93 -16.52 -6.01 8.55
N LEU C 94 -15.73 -6.70 7.72
CA LEU C 94 -14.96 -6.04 6.68
C LEU C 94 -15.01 -6.93 5.44
N TYR C 95 -15.13 -6.32 4.26
CA TYR C 95 -14.98 -7.05 3.01
C TYR C 95 -13.51 -7.29 2.75
N THR C 96 -13.19 -8.45 2.19
CA THR C 96 -11.85 -8.75 1.74
C THR C 96 -11.85 -8.96 0.24
N CYS C 97 -10.78 -8.52 -0.41
CA CYS C 97 -10.58 -8.71 -1.85
C CYS C 97 -9.17 -9.23 -2.06
N LYS C 98 -9.02 -10.37 -2.69
CA LYS C 98 -7.69 -10.84 -3.06
C LYS C 98 -7.60 -10.84 -4.57
N ILE C 99 -6.54 -10.22 -5.08
CA ILE C 99 -6.34 -9.96 -6.49
C ILE C 99 -5.05 -10.64 -6.92
N ILE C 100 -5.16 -11.54 -7.89
CA ILE C 100 -3.98 -12.10 -8.52
C ILE C 100 -3.82 -11.29 -9.80
N MET C 101 -2.90 -10.34 -9.79
CA MET C 101 -2.59 -9.57 -10.98
C MET C 101 -1.08 -9.74 -11.21
N PRO C 102 -0.70 -10.86 -11.80
CA PRO C 102 0.72 -11.20 -11.99
C PRO C 102 1.48 -10.10 -12.70
N PRO C 103 2.71 -9.80 -12.26
CA PRO C 103 3.38 -10.56 -11.20
C PRO C 103 3.25 -10.07 -9.73
N MET C 104 2.11 -9.54 -9.30
CA MET C 104 1.93 -9.19 -7.89
C MET C 104 0.63 -9.77 -7.32
N ASP C 105 0.59 -9.86 -5.99
CA ASP C 105 -0.57 -10.31 -5.23
C ASP C 105 -1.03 -9.22 -4.29
N LEU C 106 -2.35 -9.00 -4.25
CA LEU C 106 -2.95 -7.91 -3.49
C LEU C 106 -4.03 -8.47 -2.58
N ASP C 107 -4.11 -7.94 -1.36
CA ASP C 107 -5.17 -8.27 -0.41
C ASP C 107 -5.58 -7.01 0.32
N ILE C 108 -6.88 -6.79 0.36
CA ILE C 108 -7.46 -5.55 0.86
C ILE C 108 -8.60 -5.92 1.80
N TRP C 109 -8.62 -5.31 2.98
CA TRP C 109 -9.77 -5.37 3.88
C TRP C 109 -10.35 -3.98 3.91
N CYS C 110 -11.52 -3.80 3.34
CA CYS C 110 -12.01 -2.44 3.15
C CYS C 110 -13.45 -2.40 3.58
N LYS C 111 -13.98 -1.19 3.64
CA LYS C 111 -15.38 -1.06 3.98
C LYS C 111 -16.31 -0.89 2.81
N ASP C 112 -15.83 -0.43 1.66
CA ASP C 112 -16.70 -0.45 0.51
C ASP C 112 -15.86 -0.67 -0.73
N ILE C 113 -16.51 -1.23 -1.74
CA ILE C 113 -15.93 -1.52 -3.05
C ILE C 113 -16.95 -0.97 -4.04
N LYS C 114 -16.48 -0.13 -4.96
CA LYS C 114 -17.39 0.50 -5.91
C LYS C 114 -16.65 0.64 -7.23
N ILE C 115 -17.36 0.32 -8.32
CA ILE C 115 -16.82 0.41 -9.66
C ILE C 115 -17.33 1.69 -10.31
N GLU C 116 -16.44 2.38 -11.01
CA GLU C 116 -16.76 3.66 -11.61
C GLU C 116 -16.29 3.69 -13.07
N VAL D 3 22.51 -1.03 6.85
CA VAL D 3 21.31 -1.16 7.68
C VAL D 3 21.42 -0.17 8.83
N GLN D 4 22.58 -0.12 9.49
CA GLN D 4 22.70 0.75 10.65
C GLN D 4 23.10 2.16 10.25
N ARG D 5 23.77 2.29 9.10
CA ARG D 5 23.97 3.60 8.50
C ARG D 5 22.62 4.25 8.23
N ILE D 6 21.78 3.54 7.48
CA ILE D 6 20.43 4.01 7.21
C ILE D 6 19.63 4.25 8.49
N GLN D 7 19.73 3.34 9.47
CA GLN D 7 18.92 3.44 10.68
C GLN D 7 19.31 4.64 11.53
N GLU D 8 20.60 4.96 11.61
CA GLU D 8 20.94 6.09 12.46
C GLU D 8 20.91 7.43 11.74
N LYS D 9 20.90 7.47 10.41
CA LYS D 9 20.47 8.72 9.81
C LYS D 9 19.01 9.00 10.14
N ILE D 10 18.19 7.95 10.19
CA ILE D 10 16.79 8.09 10.54
C ILE D 10 16.64 8.51 11.98
N ASP D 11 17.37 7.86 12.90
CA ASP D 11 17.25 8.22 14.31
C ASP D 11 17.66 9.66 14.56
N LYS D 12 18.69 10.17 13.86
CA LYS D 12 19.14 11.54 14.06
C LYS D 12 18.16 12.55 13.48
N LEU D 13 17.13 12.08 12.84
CA LEU D 13 16.05 12.98 12.54
C LEU D 13 15.23 13.29 13.78
N TYR D 14 15.36 12.51 14.86
CA TYR D 14 14.40 12.68 15.94
C TYR D 14 12.98 12.64 15.46
N TYR D 15 12.56 11.56 14.85
CA TYR D 15 11.20 11.59 14.32
C TYR D 15 10.14 11.35 15.38
N TRP D 16 10.51 10.98 16.61
CA TRP D 16 9.56 10.45 17.57
C TRP D 16 8.46 11.46 17.91
N ASP D 17 7.21 10.98 17.86
CA ASP D 17 5.96 11.71 18.10
C ASP D 17 5.66 12.77 17.04
N ALA D 18 6.35 12.74 15.91
CA ALA D 18 6.07 13.69 14.85
C ALA D 18 4.73 13.38 14.19
N TRP D 19 3.97 14.42 13.91
CA TRP D 19 2.74 14.24 13.16
C TRP D 19 3.06 13.88 11.72
N VAL D 20 2.33 12.91 11.18
CA VAL D 20 2.51 12.48 9.80
C VAL D 20 1.44 13.13 8.94
N THR D 21 1.88 13.83 7.90
CA THR D 21 0.99 14.64 7.06
C THR D 21 0.57 13.94 5.78
N LYS D 22 1.36 12.98 5.31
CA LYS D 22 1.02 12.31 4.06
C LYS D 22 1.65 10.92 4.06
N LEU D 23 0.87 9.93 3.65
CA LEU D 23 1.36 8.57 3.51
C LEU D 23 0.79 8.01 2.22
N VAL D 24 1.65 7.79 1.24
CA VAL D 24 1.25 7.42 -0.11
C VAL D 24 1.98 6.16 -0.55
N CYS D 25 1.23 5.22 -1.10
CA CYS D 25 1.80 4.09 -1.80
C CYS D 25 1.26 4.10 -3.22
N ASP D 26 2.13 4.30 -4.20
CA ASP D 26 1.77 4.63 -5.58
C ASP D 26 2.47 3.66 -6.53
N TYR D 27 2.05 3.69 -7.81
CA TYR D 27 2.76 3.02 -8.90
C TYR D 27 2.87 1.52 -8.67
N PHE D 28 1.71 0.86 -8.56
CA PHE D 28 1.66 -0.58 -8.34
C PHE D 28 2.49 -0.98 -7.13
N GLY D 29 2.42 -0.17 -6.08
CA GLY D 29 3.15 -0.51 -4.88
C GLY D 29 4.65 -0.43 -5.01
N ASP D 30 5.13 0.20 -6.09
CA ASP D 30 6.55 0.38 -6.29
C ASP D 30 7.14 1.40 -5.33
N GLU D 31 6.32 2.31 -4.84
CA GLU D 31 6.87 3.48 -4.17
C GLU D 31 6.03 3.88 -2.97
N VAL D 32 6.69 4.17 -1.85
CA VAL D 32 5.99 4.65 -0.67
C VAL D 32 6.52 6.03 -0.31
N ILE D 33 5.60 6.96 -0.03
CA ILE D 33 5.94 8.31 0.41
C ILE D 33 5.33 8.56 1.78
N LEU D 34 6.18 8.91 2.74
CA LEU D 34 5.75 9.30 4.07
C LEU D 34 6.34 10.67 4.39
N ILE D 35 5.47 11.64 4.66
CA ILE D 35 5.85 13.00 5.03
C ILE D 35 5.38 13.26 6.46
N PHE D 36 6.32 13.62 7.35
CA PHE D 36 6.03 14.04 8.72
C PHE D 36 6.64 15.42 8.98
N LYS D 37 6.14 16.10 10.01
CA LYS D 37 6.53 17.48 10.23
C LYS D 37 7.55 17.57 11.35
N ASP D 38 8.62 18.31 11.09
CA ASP D 38 9.69 18.61 12.06
C ASP D 38 9.56 20.09 12.39
N GLY D 39 8.90 20.38 13.51
CA GLY D 39 8.59 21.77 13.82
C GLY D 39 7.68 22.33 12.75
N ASP D 40 8.17 23.35 12.05
CA ASP D 40 7.49 23.90 10.89
C ASP D 40 8.05 23.36 9.56
N ASP D 41 9.04 22.47 9.61
CA ASP D 41 9.67 21.86 8.45
C ASP D 41 9.11 20.47 8.15
N ASP D 42 9.31 20.00 6.93
CA ASP D 42 8.78 18.72 6.49
C ASP D 42 9.92 17.81 6.11
N VAL D 43 10.05 16.68 6.81
CA VAL D 43 10.95 15.60 6.39
C VAL D 43 10.16 14.57 5.59
N THR D 44 10.63 14.27 4.38
CA THR D 44 10.08 13.21 3.55
C THR D 44 10.95 11.97 3.64
N LEU D 45 10.32 10.82 3.87
CA LEU D 45 10.93 9.52 3.66
C LEU D 45 10.35 8.87 2.40
N GLN D 46 11.23 8.37 1.53
CA GLN D 46 10.83 7.73 0.27
C GLN D 46 11.41 6.32 0.16
N PHE D 47 10.54 5.35 -0.09
CA PHE D 47 10.94 3.95 -0.29
C PHE D 47 10.64 3.55 -1.73
N SER D 48 11.69 3.21 -2.47
CA SER D 48 11.58 2.90 -3.89
C SER D 48 11.96 1.45 -4.18
N GLY D 49 11.44 0.94 -5.29
CA GLY D 49 11.76 -0.42 -5.66
C GLY D 49 11.25 -1.35 -4.59
N CYS D 50 9.99 -1.16 -4.23
CA CYS D 50 9.38 -1.91 -3.15
C CYS D 50 8.83 -3.21 -3.70
N TYR D 51 8.94 -4.28 -2.94
CA TYR D 51 8.43 -5.57 -3.35
C TYR D 51 7.37 -6.10 -2.41
N LYS D 52 7.19 -5.48 -1.25
CA LYS D 52 6.19 -5.83 -0.26
C LYS D 52 5.76 -4.54 0.44
N ILE D 53 4.46 -4.34 0.55
CA ILE D 53 3.88 -3.24 1.31
C ILE D 53 2.72 -3.79 2.12
N ASP D 54 2.78 -3.61 3.44
CA ASP D 54 1.78 -4.14 4.36
C ASP D 54 1.36 -2.98 5.27
N PHE D 55 0.19 -2.44 5.00
CA PHE D 55 -0.38 -1.35 5.76
C PHE D 55 -1.51 -1.95 6.59
N LYS D 56 -1.41 -1.86 7.91
CA LYS D 56 -2.40 -2.43 8.81
C LYS D 56 -2.90 -1.32 9.72
N HIS D 57 -4.21 -1.07 9.68
CA HIS D 57 -4.88 -0.09 10.54
C HIS D 57 -5.55 -0.78 11.70
N SER D 58 -5.54 -0.15 12.86
CA SER D 58 -6.18 -0.78 14.02
C SER D 58 -7.69 -0.79 13.84
N ILE D 59 -8.29 -1.94 14.12
CA ILE D 59 -9.73 -2.09 14.05
C ILE D 59 -10.37 -1.43 15.25
N GLY D 60 -9.63 -1.35 16.36
CA GLY D 60 -10.13 -0.62 17.52
C GLY D 60 -10.35 0.85 17.24
N TYR D 61 -9.54 1.43 16.37
CA TYR D 61 -9.68 2.85 16.04
C TYR D 61 -10.54 2.97 14.79
N VAL D 62 -11.86 3.06 14.98
CA VAL D 62 -12.78 3.14 13.83
C VAL D 62 -12.74 4.51 13.17
N LYS D 63 -12.58 4.50 11.85
CA LYS D 63 -12.64 5.73 11.08
C LYS D 63 -14.10 6.00 10.76
N GLU D 64 -14.61 7.16 11.20
CA GLU D 64 -16.03 7.46 11.06
C GLU D 64 -16.33 8.22 9.77
N LYS D 65 -15.30 8.69 9.06
CA LYS D 65 -15.39 9.20 7.70
C LYS D 65 -14.10 8.88 6.96
N SER D 66 -14.12 9.08 5.64
CA SER D 66 -12.93 8.92 4.81
C SER D 66 -11.80 9.85 5.25
N ILE D 67 -10.57 9.34 5.24
CA ILE D 67 -9.43 10.12 5.70
C ILE D 67 -9.30 11.42 4.89
N LYS D 68 -9.58 11.36 3.58
CA LYS D 68 -9.40 12.55 2.74
C LYS D 68 -10.19 13.74 3.23
N THR D 69 -11.35 13.51 3.86
CA THR D 69 -12.13 14.63 4.39
C THR D 69 -11.77 14.96 5.84
N PHE D 70 -10.70 14.36 6.37
CA PHE D 70 -10.17 14.81 7.64
C PHE D 70 -9.48 16.14 7.49
N THR D 71 -9.51 16.94 8.56
CA THR D 71 -8.55 18.01 8.67
C THR D 71 -7.24 17.45 9.17
N HIS D 72 -6.15 18.18 8.90
CA HIS D 72 -4.90 17.73 9.47
C HIS D 72 -4.99 17.70 11.00
N GLU D 73 -5.84 18.55 11.60
CA GLU D 73 -6.02 18.55 13.05
C GLU D 73 -6.64 17.26 13.57
N GLN D 74 -7.41 16.57 12.73
CA GLN D 74 -8.10 15.35 13.13
C GLN D 74 -7.30 14.10 12.81
N LEU D 75 -6.25 14.20 12.01
CA LEU D 75 -5.41 13.04 11.74
C LEU D 75 -4.81 12.53 13.03
N PRO D 76 -4.93 11.26 13.33
CA PRO D 76 -4.32 10.76 14.57
C PRO D 76 -2.87 10.35 14.39
N TYR D 77 -2.40 10.14 13.18
CA TYR D 77 -1.20 9.34 12.95
C TYR D 77 0.07 10.08 13.34
N PHE D 78 0.91 9.42 14.14
CA PHE D 78 2.19 9.97 14.60
C PHE D 78 3.19 8.85 14.59
N LEU D 79 4.47 9.21 14.53
CA LEU D 79 5.55 8.22 14.47
C LEU D 79 5.96 7.81 15.88
N HIS D 80 6.03 6.51 16.10
CA HIS D 80 6.49 6.00 17.37
C HIS D 80 7.80 5.25 17.30
N ASP D 81 7.99 4.43 16.26
CA ASP D 81 9.22 3.68 16.08
C ASP D 81 9.37 3.38 14.60
N ILE D 82 10.54 3.65 14.06
CA ILE D 82 10.95 3.20 12.75
C ILE D 82 12.11 2.25 12.95
N GLU D 83 12.06 1.09 12.31
CA GLU D 83 13.07 0.05 12.51
C GLU D 83 13.46 -0.49 11.14
N ILE D 84 14.75 -0.42 10.82
CA ILE D 84 15.25 -0.86 9.52
C ILE D 84 16.00 -2.19 9.68
N GLY D 85 15.88 -3.03 8.66
CA GLY D 85 16.42 -4.37 8.72
C GLY D 85 16.79 -4.81 7.32
N GLU D 86 17.13 -6.09 7.15
CA GLU D 86 17.64 -6.59 5.88
C GLU D 86 17.15 -8.02 5.64
N ILE D 87 16.86 -8.34 4.39
CA ILE D 87 16.39 -9.67 4.01
C ILE D 87 16.87 -9.95 2.59
N GLU D 88 16.94 -11.25 2.25
CA GLU D 88 17.22 -11.71 0.90
C GLU D 88 16.26 -12.84 0.59
N LYS D 89 15.54 -12.70 -0.52
CA LYS D 89 14.57 -13.69 -0.98
C LYS D 89 14.84 -14.00 -2.45
N GLU D 90 15.00 -15.29 -2.77
CA GLU D 90 15.48 -15.71 -4.09
C GLU D 90 16.65 -14.83 -4.56
N GLY D 91 17.65 -14.68 -3.69
CA GLY D 91 18.88 -13.99 -4.01
C GLY D 91 18.81 -12.49 -4.24
N LEU D 92 17.66 -11.84 -4.05
CA LEU D 92 17.57 -10.38 -4.11
C LEU D 92 17.56 -9.81 -2.70
N LYS D 93 18.52 -8.92 -2.42
CA LYS D 93 18.62 -8.30 -1.10
C LYS D 93 17.71 -7.07 -1.03
N LEU D 94 17.03 -6.93 0.11
CA LEU D 94 16.02 -5.91 0.27
C LEU D 94 16.08 -5.34 1.68
N TYR D 95 15.83 -4.04 1.79
CA TYR D 95 15.66 -3.44 3.10
C TYR D 95 14.27 -3.78 3.60
N THR D 96 14.17 -4.00 4.91
CA THR D 96 12.87 -4.12 5.55
C THR D 96 12.70 -2.91 6.46
N CYS D 97 11.50 -2.36 6.46
CA CYS D 97 11.15 -1.24 7.32
C CYS D 97 9.85 -1.56 8.04
N LYS D 98 9.87 -1.42 9.36
CA LYS D 98 8.67 -1.52 10.15
C LYS D 98 8.45 -0.17 10.79
N ILE D 99 7.24 0.35 10.64
CA ILE D 99 6.88 1.66 11.15
C ILE D 99 5.67 1.50 12.05
N ILE D 100 5.80 1.92 13.30
CA ILE D 100 4.68 1.96 14.22
C ILE D 100 4.19 3.41 14.22
N MET D 101 3.09 3.63 13.50
CA MET D 101 2.48 4.93 13.32
C MET D 101 1.07 4.83 13.87
N PRO D 102 0.91 4.87 15.19
CA PRO D 102 -0.40 4.65 15.80
C PRO D 102 -1.42 5.63 15.26
N PRO D 103 -2.62 5.14 14.91
CA PRO D 103 -3.01 3.75 15.08
C PRO D 103 -2.77 2.81 13.86
N MET D 104 -1.69 3.01 13.12
CA MET D 104 -1.36 2.15 12.01
C MET D 104 0.01 1.52 12.23
N ASP D 105 0.23 0.39 11.58
CA ASP D 105 1.53 -0.27 11.54
C ASP D 105 1.88 -0.46 10.09
N LEU D 106 3.13 -0.20 9.73
CA LEU D 106 3.58 -0.28 8.35
C LEU D 106 4.81 -1.16 8.23
N ASP D 107 4.84 -1.93 7.16
CA ASP D 107 5.93 -2.83 6.87
C ASP D 107 6.22 -2.68 5.37
N ILE D 108 7.48 -2.43 5.01
CA ILE D 108 7.86 -2.14 3.63
C ILE D 108 9.15 -2.91 3.33
N TRP D 109 9.18 -3.63 2.21
CA TRP D 109 10.39 -4.26 1.69
C TRP D 109 10.76 -3.55 0.40
N CYS D 110 11.87 -2.84 0.41
CA CYS D 110 12.23 -1.92 -0.66
C CYS D 110 13.66 -2.15 -1.07
N LYS D 111 14.00 -1.65 -2.27
CA LYS D 111 15.39 -1.62 -2.74
C LYS D 111 16.15 -0.36 -2.33
N ASP D 112 15.48 0.75 -2.02
CA ASP D 112 16.21 1.88 -1.46
C ASP D 112 15.32 2.74 -0.57
N ILE D 113 15.98 3.45 0.34
CA ILE D 113 15.37 4.34 1.32
C ILE D 113 16.13 5.66 1.23
N LYS D 114 15.40 6.77 1.18
CA LYS D 114 16.04 8.07 1.01
C LYS D 114 15.38 9.14 1.88
N ILE D 115 16.19 9.95 2.56
CA ILE D 115 15.65 11.05 3.35
C ILE D 115 15.88 12.35 2.62
N GLU D 116 14.87 13.21 2.61
CA GLU D 116 15.07 14.54 2.05
C GLU D 116 14.34 15.55 2.92
N ARG D 117 14.90 16.76 2.97
CA ARG D 117 14.34 17.83 3.82
C ARG D 117 14.99 19.18 3.55
MG MG E . -6.82 -15.33 -21.36
#